data_4JJ5
#
_entry.id   4JJ5
#
_cell.length_a   80.464
_cell.length_b   80.464
_cell.length_c   180.881
_cell.angle_alpha   90.00
_cell.angle_beta   90.00
_cell.angle_gamma   120.00
#
_symmetry.space_group_name_H-M   'P 32 2 1'
#
loop_
_entity.id
_entity.type
_entity.pdbx_description
1 polymer '1C2 FAB LIGHT CHAIN'
2 polymer '1C2 FAB HEAVY CHAIN'
3 water water
#
loop_
_entity_poly.entity_id
_entity_poly.type
_entity_poly.pdbx_seq_one_letter_code
_entity_poly.pdbx_strand_id
1 'polypeptide(L)'
;QLVLTQSSSASFSLGASAKLTCTLSRQHSTYTIEWYQQQPLKPPKFVMELKKDGSHSTGDGIPDRFSGSSSGAHRYLSIS
NIQPEDEAIYICGVGDTIKEQFVYVFGGGTKVTVLGQPKSTPTLTVFPPSSEELKENKATLVCLISNFSPSGVTVAWKAN
GTPITQGVDTSNPTKEGNKFMASSFLHLTSDQWRSHNSFTCQVTHEGDTVEKSLSPA
;
A
2 'polypeptide(L)'
;SIQLVQSGPELKKPGETVRISCKASGYSFTTYGMNWVKQAPGKGLKWMGWINTYSGVPTYADDFKGRFAFSLETSASTAY
LQINILKNEDTATYFCARRRSDGYSNYFDYWGQGSTLTVSSAKTTPPSVYPLAPGSAAQTNSMVTLGCLVKGYFPEPVTV
TWNSGSLSSGVHTFPAVLQSDLYTLSSSVTVPSSTWPSQTVTCNVAHPASSTKVDKKIVPR
;
B
#
# COMPACT_ATOMS: atom_id res chain seq x y z
N GLN A 1 -6.97 -28.73 6.52
CA GLN A 1 -6.17 -27.52 6.49
C GLN A 1 -5.89 -27.05 5.05
N LEU A 2 -6.88 -26.36 4.48
CA LEU A 2 -6.77 -25.83 3.12
C LEU A 2 -5.82 -24.65 3.09
N VAL A 3 -4.76 -24.79 2.28
CA VAL A 3 -3.65 -23.81 2.26
C VAL A 3 -3.11 -23.58 0.84
N LEU A 4 -2.84 -22.32 0.52
CA LEU A 4 -2.23 -22.00 -0.76
C LEU A 4 -0.83 -21.42 -0.53
N THR A 5 0.16 -21.94 -1.23
CA THR A 5 1.54 -21.52 -1.00
C THR A 5 2.09 -20.76 -2.20
N GLN A 6 2.50 -19.52 -1.96
CA GLN A 6 3.02 -18.67 -3.02
C GLN A 6 4.43 -18.16 -2.75
N SER A 7 5.08 -17.78 -3.83
CA SER A 7 6.50 -17.52 -3.88
C SER A 7 6.91 -16.08 -3.49
N SER A 8 5.93 -15.32 -2.99
CA SER A 8 6.17 -14.06 -2.22
C SER A 8 6.74 -12.82 -2.92
N SER A 9 7.83 -13.00 -3.67
CA SER A 9 8.45 -11.88 -4.38
C SER A 9 9.33 -12.35 -5.51
N ALA A 10 9.27 -11.65 -6.62
CA ALA A 10 10.04 -12.01 -7.79
C ALA A 10 10.16 -10.81 -8.72
N SER A 11 11.36 -10.58 -9.24
CA SER A 11 11.55 -9.53 -10.22
C SER A 11 11.88 -10.16 -11.56
N PHE A 12 11.62 -9.44 -12.65
CA PHE A 12 11.94 -9.95 -13.97
C PHE A 12 12.46 -8.83 -14.82
N SER A 13 13.26 -9.19 -15.82
CA SER A 13 13.71 -8.24 -16.81
C SER A 13 12.61 -8.04 -17.85
N LEU A 14 12.49 -6.81 -18.33
CA LEU A 14 11.50 -6.48 -19.35
C LEU A 14 11.65 -7.41 -20.55
N GLY A 15 10.60 -8.16 -20.86
CA GLY A 15 10.58 -9.03 -22.03
C GLY A 15 10.62 -10.50 -21.67
N ALA A 16 11.10 -10.77 -20.45
CA ALA A 16 11.29 -12.15 -19.96
C ALA A 16 9.97 -12.91 -19.78
N SER A 17 10.06 -14.23 -19.77
CA SER A 17 8.91 -15.08 -19.46
C SER A 17 8.82 -15.19 -17.95
N ALA A 18 7.71 -14.75 -17.36
CA ALA A 18 7.55 -14.95 -15.94
C ALA A 18 6.64 -16.14 -15.68
N LYS A 19 6.79 -16.77 -14.52
CA LYS A 19 5.98 -17.93 -14.21
C LYS A 19 5.84 -18.05 -12.70
N LEU A 20 4.61 -17.83 -12.23
CA LEU A 20 4.37 -17.77 -10.82
C LEU A 20 3.70 -19.07 -10.40
N THR A 21 3.90 -19.43 -9.14
CA THR A 21 3.44 -20.73 -8.69
C THR A 21 2.51 -20.57 -7.52
N CYS A 22 1.39 -21.30 -7.58
CA CYS A 22 0.45 -21.34 -6.48
C CYS A 22 0.23 -22.80 -6.18
N THR A 23 0.62 -23.24 -5.00
CA THR A 23 0.60 -24.67 -4.73
C THR A 23 -0.45 -25.05 -3.70
N LEU A 24 -1.40 -25.89 -4.10
CA LEU A 24 -2.46 -26.31 -3.20
C LEU A 24 -1.95 -27.30 -2.14
N SER A 25 -2.55 -27.24 -0.97
CA SER A 25 -2.36 -28.30 0.03
C SER A 25 -2.79 -29.66 -0.55
N ARG A 26 -2.11 -30.72 -0.14
CA ARG A 26 -2.19 -32.01 -0.82
C ARG A 26 -3.57 -32.66 -0.82
N GLN A 27 -4.41 -32.31 0.15
CA GLN A 27 -5.74 -32.90 0.21
C GLN A 27 -6.69 -32.21 -0.77
N HIS A 28 -6.17 -31.18 -1.44
CA HIS A 28 -6.98 -30.30 -2.27
C HIS A 28 -6.33 -30.16 -3.65
N SER A 29 -5.47 -31.12 -3.99
CA SER A 29 -4.68 -31.05 -5.23
C SER A 29 -5.51 -30.93 -6.51
N THR A 30 -6.79 -31.30 -6.42
CA THR A 30 -7.70 -31.24 -7.58
C THR A 30 -8.46 -29.92 -7.74
N TYR A 31 -8.25 -28.99 -6.82
CA TYR A 31 -9.09 -27.80 -6.79
C TYR A 31 -8.83 -26.80 -7.88
N THR A 32 -9.90 -26.14 -8.29
CA THR A 32 -9.83 -25.01 -9.18
C THR A 32 -9.43 -23.82 -8.31
N ILE A 33 -8.60 -22.92 -8.84
CA ILE A 33 -8.21 -21.73 -8.07
C ILE A 33 -8.48 -20.46 -8.88
N GLU A 34 -8.45 -19.32 -8.20
CA GLU A 34 -8.61 -18.06 -8.85
C GLU A 34 -7.35 -17.24 -8.75
N TRP A 35 -6.95 -16.61 -9.85
CA TRP A 35 -5.88 -15.66 -9.84
C TRP A 35 -6.43 -14.24 -9.77
N TYR A 36 -5.77 -13.39 -8.96
CA TYR A 36 -6.10 -11.98 -8.90
C TYR A 36 -4.82 -11.19 -8.99
N GLN A 37 -4.94 -9.94 -9.40
CA GLN A 37 -3.81 -9.04 -9.36
C GLN A 37 -4.20 -7.75 -8.65
N GLN A 38 -3.29 -7.23 -7.83
CA GLN A 38 -3.59 -6.05 -7.04
C GLN A 38 -2.53 -4.95 -7.20
N GLN A 39 -2.98 -3.81 -7.72
CA GLN A 39 -2.20 -2.58 -7.83
C GLN A 39 -2.07 -1.96 -6.45
N PRO A 40 -1.09 -1.04 -6.29
CA PRO A 40 -0.73 -0.54 -4.94
C PRO A 40 -1.87 -0.01 -4.07
N LEU A 41 -2.72 0.86 -4.60
CA LEU A 41 -3.75 1.44 -3.73
C LEU A 41 -5.16 1.17 -4.28
N LYS A 42 -5.50 -0.11 -4.33
CA LYS A 42 -6.63 -0.58 -5.12
C LYS A 42 -7.03 -1.98 -4.69
N PRO A 43 -8.30 -2.35 -4.93
CA PRO A 43 -8.76 -3.73 -4.71
C PRO A 43 -8.12 -4.70 -5.70
N PRO A 44 -7.99 -5.96 -5.32
CA PRO A 44 -7.55 -7.00 -6.25
C PRO A 44 -8.48 -7.06 -7.46
N LYS A 45 -7.95 -7.42 -8.62
CA LYS A 45 -8.75 -7.57 -9.83
C LYS A 45 -8.63 -8.99 -10.37
N PHE A 46 -9.76 -9.58 -10.76
CA PHE A 46 -9.79 -10.96 -11.23
C PHE A 46 -8.92 -11.11 -12.48
N VAL A 47 -8.16 -12.21 -12.57
CA VAL A 47 -7.31 -12.42 -13.73
C VAL A 47 -7.71 -13.68 -14.48
N MET A 48 -7.81 -14.79 -13.77
CA MET A 48 -8.27 -16.03 -14.37
C MET A 48 -8.64 -17.06 -13.32
N GLU A 49 -9.40 -18.04 -13.77
CA GLU A 49 -9.78 -19.18 -12.98
C GLU A 49 -9.07 -20.37 -13.62
N LEU A 50 -8.27 -21.10 -12.83
CA LEU A 50 -7.44 -22.16 -13.38
C LEU A 50 -7.84 -23.51 -12.80
N LYS A 51 -8.13 -24.45 -13.70
CA LYS A 51 -8.56 -25.77 -13.30
C LYS A 51 -7.37 -26.73 -13.15
N LYS A 52 -7.61 -27.87 -12.52
CA LYS A 52 -6.54 -28.85 -12.29
C LYS A 52 -5.93 -29.39 -13.59
N ASP A 53 -6.68 -29.35 -14.69
CA ASP A 53 -6.18 -29.82 -16.00
C ASP A 53 -5.55 -28.71 -16.82
N GLY A 54 -5.46 -27.52 -16.25
CA GLY A 54 -4.79 -26.41 -16.92
C GLY A 54 -5.75 -25.53 -17.70
N SER A 55 -6.98 -26.00 -17.88
CA SER A 55 -7.98 -25.18 -18.55
C SER A 55 -8.25 -23.96 -17.69
N HIS A 56 -8.26 -22.80 -18.34
CA HIS A 56 -8.46 -21.56 -17.63
C HIS A 56 -9.37 -20.63 -18.42
N SER A 57 -10.10 -19.78 -17.71
CA SER A 57 -10.88 -18.73 -18.35
C SER A 57 -10.43 -17.41 -17.76
N THR A 58 -10.04 -16.49 -18.63
CA THR A 58 -9.51 -15.22 -18.18
C THR A 58 -10.59 -14.15 -18.05
N GLY A 59 -10.36 -13.20 -17.15
CA GLY A 59 -11.21 -12.03 -17.05
C GLY A 59 -10.98 -11.12 -18.24
N ASP A 60 -11.74 -10.04 -18.30
CA ASP A 60 -11.73 -9.18 -19.45
C ASP A 60 -10.73 -8.05 -19.24
N GLY A 61 -10.15 -7.56 -20.33
CA GLY A 61 -9.05 -6.62 -20.26
C GLY A 61 -7.78 -7.31 -19.75
N ILE A 62 -7.66 -8.59 -20.07
CA ILE A 62 -6.52 -9.40 -19.67
C ILE A 62 -5.83 -9.95 -20.91
N PRO A 63 -4.60 -9.46 -21.18
CA PRO A 63 -3.83 -9.71 -22.41
C PRO A 63 -3.61 -11.19 -22.72
N ASP A 64 -3.31 -11.47 -23.98
CA ASP A 64 -3.09 -12.85 -24.41
C ASP A 64 -1.80 -13.43 -23.85
N ARG A 65 -0.88 -12.53 -23.50
CA ARG A 65 0.37 -12.87 -22.81
C ARG A 65 0.16 -13.70 -21.55
N PHE A 66 -0.94 -13.43 -20.84
CA PHE A 66 -1.27 -14.18 -19.65
C PHE A 66 -1.83 -15.54 -20.01
N SER A 67 -1.33 -16.57 -19.35
CA SER A 67 -1.83 -17.92 -19.53
C SER A 67 -1.70 -18.71 -18.24
N GLY A 68 -2.46 -19.80 -18.14
CA GLY A 68 -2.41 -20.66 -16.98
C GLY A 68 -2.12 -22.09 -17.34
N SER A 69 -1.72 -22.89 -16.34
CA SER A 69 -1.48 -24.31 -16.51
C SER A 69 -1.36 -24.93 -15.13
N SER A 70 -1.37 -26.26 -15.09
CA SER A 70 -1.38 -26.94 -13.82
C SER A 70 -0.59 -28.25 -13.89
N SER A 71 -0.18 -28.74 -12.73
CA SER A 71 0.52 -30.02 -12.63
C SER A 71 0.43 -30.45 -11.19
N GLY A 72 -0.18 -31.60 -10.95
CA GLY A 72 -0.47 -32.02 -9.59
C GLY A 72 -1.20 -30.93 -8.82
N ALA A 73 -0.61 -30.51 -7.70
CA ALA A 73 -1.22 -29.51 -6.83
C ALA A 73 -0.75 -28.11 -7.19
N HIS A 74 0.13 -28.01 -8.18
CA HIS A 74 0.64 -26.71 -8.61
C HIS A 74 -0.24 -26.03 -9.68
N ARG A 75 -0.50 -24.74 -9.50
CA ARG A 75 -1.19 -23.93 -10.50
C ARG A 75 -0.28 -22.80 -10.93
N TYR A 76 -0.08 -22.66 -12.24
CA TYR A 76 0.90 -21.72 -12.76
C TYR A 76 0.27 -20.59 -13.53
N LEU A 77 0.73 -19.38 -13.27
CA LEU A 77 0.39 -18.24 -14.09
C LEU A 77 1.63 -17.83 -14.87
N SER A 78 1.54 -17.86 -16.19
CA SER A 78 2.69 -17.52 -17.03
C SER A 78 2.44 -16.24 -17.81
N ILE A 79 3.35 -15.29 -17.66
CA ILE A 79 3.25 -13.99 -18.32
C ILE A 79 4.40 -13.86 -19.32
N SER A 80 4.15 -14.20 -20.58
CA SER A 80 5.18 -14.10 -21.60
C SER A 80 5.39 -12.63 -21.97
N ASN A 81 6.62 -12.29 -22.36
CA ASN A 81 6.95 -10.94 -22.84
C ASN A 81 6.50 -9.86 -21.85
N ILE A 82 6.97 -9.98 -20.61
CA ILE A 82 6.43 -9.17 -19.51
C ILE A 82 6.65 -7.67 -19.68
N GLN A 83 5.71 -6.90 -19.13
CA GLN A 83 5.64 -5.45 -19.34
C GLN A 83 5.59 -4.73 -18.00
N PRO A 84 5.97 -3.44 -17.98
CA PRO A 84 5.90 -2.63 -16.75
C PRO A 84 4.50 -2.63 -16.14
N GLU A 85 3.48 -2.65 -17.01
CA GLU A 85 2.09 -2.62 -16.57
C GLU A 85 1.66 -3.92 -15.93
N ASP A 86 2.45 -4.98 -16.11
CA ASP A 86 2.15 -6.28 -15.53
C ASP A 86 2.57 -6.35 -14.07
N GLU A 87 3.30 -5.33 -13.63
CA GLU A 87 3.68 -5.21 -12.24
C GLU A 87 2.42 -5.20 -11.38
N ALA A 88 2.37 -6.08 -10.40
CA ALA A 88 1.23 -6.22 -9.53
C ALA A 88 1.66 -7.11 -8.38
N ILE A 89 0.82 -7.24 -7.37
CA ILE A 89 0.95 -8.38 -6.48
C ILE A 89 -0.04 -9.42 -7.00
N TYR A 90 0.45 -10.61 -7.34
CA TYR A 90 -0.43 -11.64 -7.84
C TYR A 90 -0.79 -12.57 -6.69
N ILE A 91 -2.10 -12.84 -6.58
CA ILE A 91 -2.66 -13.57 -5.46
C ILE A 91 -3.57 -14.66 -5.95
N CYS A 92 -3.37 -15.87 -5.46
CA CYS A 92 -4.33 -16.90 -5.76
C CYS A 92 -5.30 -17.08 -4.60
N GLY A 93 -6.47 -17.59 -4.95
CA GLY A 93 -7.49 -17.85 -3.95
C GLY A 93 -8.20 -19.13 -4.30
N VAL A 94 -8.85 -19.72 -3.32
CA VAL A 94 -9.58 -20.96 -3.53
C VAL A 94 -10.77 -21.01 -2.58
N GLY A 95 -11.92 -21.44 -3.08
CA GLY A 95 -13.09 -21.62 -2.24
C GLY A 95 -13.42 -23.09 -2.10
N ASP A 96 -14.06 -23.44 -0.98
CA ASP A 96 -14.49 -24.81 -0.75
C ASP A 96 -15.75 -24.76 0.12
N THR A 97 -16.54 -25.84 0.07
CA THR A 97 -17.70 -25.93 0.94
C THR A 97 -17.52 -27.16 1.82
N ILE A 98 -17.49 -26.93 3.13
CA ILE A 98 -17.32 -28.02 4.09
C ILE A 98 -18.40 -27.94 5.15
N LYS A 99 -19.13 -29.04 5.34
CA LYS A 99 -20.24 -29.11 6.28
C LYS A 99 -21.25 -27.99 6.03
N GLU A 100 -21.51 -27.77 4.75
CA GLU A 100 -22.51 -26.79 4.29
C GLU A 100 -22.12 -25.35 4.64
N GLN A 101 -20.83 -25.11 4.78
CA GLN A 101 -20.34 -23.76 4.99
C GLN A 101 -19.29 -23.45 3.91
N PHE A 102 -19.43 -22.31 3.25
CA PHE A 102 -18.43 -21.93 2.28
C PHE A 102 -17.17 -21.39 3.00
N VAL A 103 -15.99 -21.71 2.50
CA VAL A 103 -14.75 -21.17 3.06
C VAL A 103 -13.86 -20.72 1.93
N TYR A 104 -13.17 -19.61 2.12
CA TYR A 104 -12.29 -19.10 1.08
C TYR A 104 -10.89 -18.83 1.66
N VAL A 105 -9.84 -19.14 0.92
CA VAL A 105 -8.50 -18.78 1.39
C VAL A 105 -7.62 -18.20 0.29
N PHE A 106 -6.95 -17.11 0.64
CA PHE A 106 -5.98 -16.47 -0.25
C PHE A 106 -4.57 -16.93 0.09
N GLY A 107 -3.74 -17.13 -0.94
CA GLY A 107 -2.31 -17.20 -0.74
C GLY A 107 -1.82 -15.86 -0.20
N GLY A 108 -0.52 -15.80 0.13
CA GLY A 108 0.09 -14.60 0.69
C GLY A 108 0.50 -13.61 -0.39
N GLY A 109 0.28 -13.98 -1.65
CA GLY A 109 0.60 -13.12 -2.78
C GLY A 109 2.06 -13.12 -3.18
N THR A 110 2.32 -12.84 -4.45
CA THR A 110 3.69 -12.76 -4.97
C THR A 110 3.88 -11.40 -5.62
N LYS A 111 4.70 -10.56 -5.00
CA LYS A 111 4.96 -9.24 -5.57
C LYS A 111 5.85 -9.35 -6.80
N VAL A 112 5.31 -9.01 -7.97
CA VAL A 112 6.06 -9.04 -9.21
C VAL A 112 6.50 -7.65 -9.66
N THR A 113 7.81 -7.45 -9.84
CA THR A 113 8.35 -6.20 -10.39
C THR A 113 9.12 -6.44 -11.68
N VAL A 114 9.25 -5.38 -12.47
CA VAL A 114 9.95 -5.43 -13.74
C VAL A 114 11.20 -4.53 -13.69
N LEU A 115 12.34 -5.08 -14.10
CA LEU A 115 13.60 -4.35 -14.07
C LEU A 115 14.20 -4.20 -15.46
N LYS A 119 20.94 -0.33 -14.48
CA LYS A 119 21.46 -0.24 -13.12
C LYS A 119 21.99 1.17 -12.76
N SER A 120 21.41 1.77 -11.73
CA SER A 120 21.79 3.13 -11.32
C SER A 120 22.33 3.18 -9.89
N THR A 121 23.50 3.79 -9.71
CA THR A 121 24.08 3.94 -8.38
C THR A 121 23.50 5.16 -7.68
N PRO A 122 23.18 5.04 -6.38
CA PRO A 122 22.45 6.09 -5.66
C PRO A 122 23.20 7.41 -5.55
N THR A 123 22.46 8.51 -5.55
CA THR A 123 23.03 9.80 -5.20
C THR A 123 22.55 10.18 -3.79
N LEU A 124 23.46 10.76 -3.03
CA LEU A 124 23.16 11.12 -1.64
C LEU A 124 23.05 12.63 -1.49
N THR A 125 22.08 13.08 -0.70
CA THR A 125 22.05 14.47 -0.26
C THR A 125 21.95 14.50 1.25
N VAL A 126 22.88 15.19 1.91
CA VAL A 126 22.86 15.24 3.37
C VAL A 126 22.65 16.65 3.89
N PHE A 127 21.81 16.75 4.92
CA PHE A 127 21.56 18.05 5.53
C PHE A 127 21.96 18.12 6.98
N PRO A 128 22.60 19.21 7.35
CA PRO A 128 22.84 19.51 8.76
C PRO A 128 21.52 19.90 9.43
N PRO A 129 21.46 19.88 10.76
CA PRO A 129 20.26 20.38 11.44
C PRO A 129 20.10 21.90 11.22
N SER A 130 18.87 22.38 11.29
CA SER A 130 18.58 23.80 11.14
C SER A 130 18.93 24.61 12.41
N SER A 131 18.99 25.93 12.26
CA SER A 131 19.18 26.79 13.43
C SER A 131 18.02 26.59 14.38
N GLU A 132 16.82 26.71 13.82
CA GLU A 132 15.56 26.54 14.51
C GLU A 132 15.51 25.27 15.36
N GLU A 133 15.87 24.15 14.76
CA GLU A 133 15.85 22.89 15.49
C GLU A 133 16.87 22.92 16.62
N LEU A 134 18.02 23.53 16.35
CA LEU A 134 19.08 23.62 17.35
C LEU A 134 18.65 24.44 18.57
N LYS A 135 17.90 25.52 18.36
CA LYS A 135 17.36 26.29 19.47
C LYS A 135 16.53 25.37 20.36
N GLU A 136 15.82 24.45 19.74
CA GLU A 136 15.01 23.50 20.47
C GLU A 136 15.85 22.37 21.09
N ASN A 137 17.17 22.52 20.99
CA ASN A 137 18.15 21.57 21.55
C ASN A 137 18.16 20.15 20.97
N LYS A 138 17.35 19.93 19.93
CA LYS A 138 17.41 18.68 19.16
C LYS A 138 18.22 18.86 17.87
N ALA A 139 18.67 17.75 17.30
CA ALA A 139 19.39 17.78 16.02
C ALA A 139 19.09 16.55 15.18
N THR A 140 18.50 16.75 14.00
CA THR A 140 18.23 15.61 13.12
C THR A 140 19.05 15.68 11.84
N LEU A 141 19.88 14.66 11.64
CA LEU A 141 20.68 14.56 10.44
C LEU A 141 19.84 13.88 9.37
N VAL A 142 19.87 14.44 8.16
CA VAL A 142 19.01 13.94 7.11
C VAL A 142 19.81 13.41 5.92
N CYS A 143 19.61 12.13 5.62
CA CYS A 143 20.25 11.53 4.46
C CYS A 143 19.22 11.10 3.41
N LEU A 144 19.24 11.79 2.29
CA LEU A 144 18.31 11.49 1.20
C LEU A 144 19.02 10.65 0.17
N ILE A 145 18.37 9.57 -0.26
CA ILE A 145 19.00 8.67 -1.20
C ILE A 145 18.13 8.50 -2.41
N SER A 146 18.69 8.81 -3.57
CA SER A 146 17.87 8.85 -4.76
C SER A 146 18.58 8.28 -5.98
N ASN A 147 17.80 8.05 -7.03
CA ASN A 147 18.32 7.72 -8.34
C ASN A 147 19.06 6.39 -8.33
N PHE A 148 18.48 5.40 -7.68
CA PHE A 148 19.12 4.10 -7.65
C PHE A 148 18.18 2.97 -8.08
N SER A 149 18.78 2.01 -8.77
CA SER A 149 18.13 0.76 -9.12
C SER A 149 19.24 -0.28 -9.09
N PRO A 150 18.92 -1.48 -8.58
CA PRO A 150 17.61 -1.82 -8.02
C PRO A 150 17.43 -1.36 -6.58
N SER A 151 16.37 -1.82 -5.92
CA SER A 151 15.89 -1.19 -4.69
C SER A 151 16.71 -1.43 -3.43
N GLY A 152 17.33 -2.59 -3.30
CA GLY A 152 18.03 -2.93 -2.07
C GLY A 152 19.10 -1.93 -1.69
N VAL A 153 18.99 -1.38 -0.48
CA VAL A 153 20.01 -0.50 0.05
C VAL A 153 20.14 -0.75 1.54
N THR A 154 21.33 -0.48 2.07
CA THR A 154 21.57 -0.56 3.50
C THR A 154 22.19 0.78 3.86
N VAL A 155 21.82 1.30 5.02
CA VAL A 155 22.29 2.61 5.44
C VAL A 155 22.84 2.55 6.84
N ALA A 156 24.03 3.10 7.04
CA ALA A 156 24.65 3.12 8.35
C ALA A 156 25.23 4.50 8.66
N TRP A 157 25.14 4.92 9.92
CA TRP A 157 25.72 6.19 10.32
C TRP A 157 26.94 5.96 11.23
N GLY A 167 20.68 6.16 17.11
CA GLY A 167 19.49 7.00 16.96
C GLY A 167 18.98 7.11 15.53
N VAL A 168 18.87 5.97 14.86
CA VAL A 168 18.65 5.94 13.42
C VAL A 168 17.31 5.36 13.04
N ASP A 169 16.68 5.96 12.03
CA ASP A 169 15.53 5.38 11.37
C ASP A 169 15.61 5.60 9.87
N THR A 170 15.46 4.52 9.13
CA THR A 170 15.64 4.56 7.69
C THR A 170 14.40 4.01 7.04
N SER A 171 13.92 4.70 6.02
CA SER A 171 12.71 4.28 5.34
C SER A 171 13.02 3.10 4.45
N ASN A 172 11.96 2.50 3.91
CA ASN A 172 12.06 1.52 2.85
C ASN A 172 12.12 2.28 1.53
N PRO A 173 12.56 1.61 0.46
CA PRO A 173 12.53 2.24 -0.87
C PRO A 173 11.12 2.32 -1.43
N THR A 174 10.85 3.34 -2.24
CA THR A 174 9.63 3.37 -3.05
C THR A 174 9.99 3.87 -4.44
N PHE A 180 14.27 4.44 -7.85
CA PHE A 180 13.95 4.36 -6.41
C PHE A 180 14.44 5.54 -5.56
N MET A 181 13.93 5.61 -4.34
CA MET A 181 14.29 6.65 -3.37
C MET A 181 14.12 6.11 -1.95
N ALA A 182 14.88 6.66 -0.99
CA ALA A 182 14.74 6.29 0.42
C ALA A 182 15.35 7.38 1.31
N SER A 183 15.05 7.33 2.60
CA SER A 183 15.51 8.37 3.51
C SER A 183 16.02 7.79 4.82
N SER A 184 17.03 8.44 5.39
CA SER A 184 17.51 8.04 6.71
C SER A 184 17.72 9.26 7.60
N PHE A 185 17.43 9.08 8.88
CA PHE A 185 17.49 10.16 9.85
C PHE A 185 18.27 9.72 11.07
N LEU A 186 19.31 10.48 11.40
CA LEU A 186 20.00 10.29 12.66
C LEU A 186 19.60 11.43 13.57
N HIS A 187 19.03 11.10 14.73
CA HIS A 187 18.61 12.11 15.70
C HIS A 187 19.67 12.30 16.79
N THR A 200 28.78 11.29 9.07
CA THR A 200 28.76 10.66 7.74
C THR A 200 27.60 9.65 7.52
N CYS A 201 26.93 9.81 6.38
CA CYS A 201 25.90 8.87 5.94
C CYS A 201 26.51 7.86 4.96
N GLN A 202 26.28 6.58 5.23
CA GLN A 202 26.91 5.52 4.45
C GLN A 202 25.88 4.58 3.81
N VAL A 203 25.85 4.55 2.48
CA VAL A 203 24.90 3.74 1.75
C VAL A 203 25.57 2.65 0.91
N THR A 204 25.21 1.41 1.20
CA THR A 204 25.72 0.29 0.42
C THR A 204 24.63 -0.17 -0.52
N HIS A 205 25.02 -0.38 -1.78
CA HIS A 205 24.09 -0.71 -2.86
C HIS A 205 24.87 -1.55 -3.86
N GLU A 206 24.54 -2.84 -3.93
CA GLU A 206 25.24 -3.82 -4.78
C GLU A 206 26.76 -3.77 -4.59
N GLY A 207 27.20 -3.41 -3.39
CA GLY A 207 28.56 -2.92 -3.17
C GLY A 207 28.56 -1.44 -2.81
N SER B 1 -24.06 1.24 -14.09
CA SER B 1 -23.36 -0.04 -14.00
C SER B 1 -22.98 -0.45 -12.56
N ILE B 2 -22.38 -1.63 -12.44
CA ILE B 2 -22.18 -2.24 -11.15
C ILE B 2 -21.02 -1.64 -10.38
N GLN B 3 -21.27 -1.20 -9.15
CA GLN B 3 -20.18 -0.78 -8.30
C GLN B 3 -20.45 -0.93 -6.81
N LEU B 4 -19.36 -0.99 -6.04
CA LEU B 4 -19.41 -1.05 -4.59
C LEU B 4 -18.62 0.12 -4.07
N VAL B 5 -19.31 1.00 -3.35
CA VAL B 5 -18.66 2.18 -2.81
C VAL B 5 -18.62 2.09 -1.30
N GLN B 6 -17.43 2.26 -0.74
CA GLN B 6 -17.22 2.04 0.69
C GLN B 6 -16.99 3.38 1.33
N SER B 7 -17.28 3.47 2.62
CA SER B 7 -16.99 4.67 3.42
C SER B 7 -15.49 4.96 3.51
N GLY B 8 -15.15 6.17 3.96
CA GLY B 8 -13.77 6.64 4.00
C GLY B 8 -12.93 6.14 5.17
N PRO B 9 -11.66 6.57 5.21
CA PRO B 9 -10.68 6.06 6.20
C PRO B 9 -11.09 6.40 7.62
N GLU B 10 -10.59 5.64 8.60
CA GLU B 10 -11.00 5.84 9.98
C GLU B 10 -9.80 5.72 10.92
N LEU B 11 -9.78 6.58 11.94
CA LEU B 11 -8.76 6.49 12.97
C LEU B 11 -9.43 6.31 14.31
N LYS B 12 -9.09 5.23 15.00
CA LYS B 12 -9.72 4.96 16.28
C LYS B 12 -8.65 4.65 17.33
N LYS B 13 -9.05 4.64 18.60
CA LYS B 13 -8.18 4.23 19.71
C LYS B 13 -8.54 2.80 20.11
N PRO B 14 -7.56 2.05 20.65
CA PRO B 14 -7.78 0.69 21.16
C PRO B 14 -8.97 0.61 22.11
N GLY B 15 -9.82 -0.38 21.90
CA GLY B 15 -10.95 -0.61 22.79
C GLY B 15 -12.23 0.02 22.29
N GLU B 16 -12.09 0.90 21.30
CA GLU B 16 -13.25 1.52 20.69
C GLU B 16 -13.98 0.57 19.69
N THR B 17 -15.01 1.09 19.02
CA THR B 17 -15.72 0.28 18.04
C THR B 17 -15.78 1.04 16.73
N VAL B 18 -15.86 0.33 15.61
CA VAL B 18 -15.96 1.04 14.35
C VAL B 18 -16.90 0.34 13.40
N ARG B 19 -17.51 1.12 12.51
CA ARG B 19 -18.37 0.58 11.48
C ARG B 19 -17.97 1.07 10.09
N ILE B 20 -17.82 0.11 9.17
CA ILE B 20 -17.47 0.40 7.78
C ILE B 20 -18.65 0.08 6.85
N SER B 21 -18.85 0.92 5.83
CA SER B 21 -20.00 0.77 4.92
C SER B 21 -19.58 0.29 3.55
N CYS B 22 -20.54 -0.34 2.86
CA CYS B 22 -20.35 -0.84 1.52
C CYS B 22 -21.69 -0.70 0.79
N LYS B 23 -21.76 0.30 -0.07
CA LYS B 23 -22.97 0.62 -0.77
C LYS B 23 -22.88 0.03 -2.18
N ALA B 24 -23.79 -0.88 -2.49
CA ALA B 24 -23.81 -1.55 -3.78
C ALA B 24 -24.78 -0.86 -4.76
N SER B 25 -24.44 -0.84 -6.04
CA SER B 25 -25.32 -0.27 -7.06
C SER B 25 -25.24 -1.07 -8.36
N GLY B 26 -26.35 -1.08 -9.12
CA GLY B 26 -26.33 -1.60 -10.48
C GLY B 26 -26.82 -3.04 -10.62
N TYR B 27 -27.32 -3.60 -9.53
CA TYR B 27 -27.75 -5.00 -9.56
C TYR B 27 -28.69 -5.29 -8.39
N SER B 28 -29.29 -6.48 -8.39
CA SER B 28 -30.24 -6.84 -7.34
C SER B 28 -29.52 -7.22 -6.03
N PHE B 29 -29.43 -6.24 -5.13
CA PHE B 29 -28.64 -6.35 -3.92
C PHE B 29 -28.86 -7.64 -3.12
N THR B 30 -30.10 -8.08 -2.99
CA THR B 30 -30.38 -9.23 -2.13
C THR B 30 -30.06 -10.57 -2.79
N THR B 31 -29.62 -10.55 -4.03
CA THR B 31 -29.33 -11.79 -4.74
C THR B 31 -27.90 -12.31 -4.47
N TYR B 32 -26.96 -11.37 -4.34
CA TYR B 32 -25.56 -11.70 -4.13
C TYR B 32 -25.14 -11.49 -2.69
N GLY B 33 -24.60 -12.53 -2.07
CA GLY B 33 -24.05 -12.35 -0.74
C GLY B 33 -22.94 -11.31 -0.76
N MET B 34 -22.71 -10.66 0.38
CA MET B 34 -21.60 -9.73 0.46
C MET B 34 -20.45 -10.32 1.26
N ASN B 35 -19.26 -10.28 0.68
CA ASN B 35 -18.05 -10.81 1.33
C ASN B 35 -17.20 -9.71 1.93
N TRP B 36 -16.43 -10.08 2.94
CA TRP B 36 -15.47 -9.14 3.52
C TRP B 36 -14.05 -9.71 3.54
N VAL B 37 -13.10 -8.83 3.26
CA VAL B 37 -11.72 -9.24 3.14
C VAL B 37 -10.83 -8.23 3.85
N LYS B 38 -9.98 -8.74 4.73
CA LYS B 38 -9.06 -7.88 5.47
C LYS B 38 -7.66 -7.96 4.89
N GLN B 39 -7.02 -6.81 4.74
CA GLN B 39 -5.60 -6.77 4.36
C GLN B 39 -4.81 -5.83 5.24
N ALA B 40 -4.11 -6.39 6.22
CA ALA B 40 -3.18 -5.62 7.05
C ALA B 40 -2.02 -5.08 6.18
N PRO B 41 -1.44 -3.95 6.57
CA PRO B 41 -0.45 -3.27 5.73
C PRO B 41 0.72 -4.21 5.44
N GLY B 42 1.10 -4.32 4.16
CA GLY B 42 2.15 -5.22 3.76
C GLY B 42 1.82 -6.70 3.78
N LYS B 43 0.70 -7.09 4.40
CA LYS B 43 0.35 -8.51 4.56
C LYS B 43 -0.58 -9.06 3.47
N GLY B 44 -0.98 -10.33 3.63
CA GLY B 44 -1.84 -10.98 2.65
C GLY B 44 -3.33 -10.82 2.96
N LEU B 45 -4.18 -11.18 2.01
CA LEU B 45 -5.63 -11.03 2.16
C LEU B 45 -6.22 -12.09 3.06
N LYS B 46 -7.01 -11.65 4.01
CA LYS B 46 -7.75 -12.57 4.87
C LYS B 46 -9.26 -12.46 4.62
N TRP B 47 -9.84 -13.55 4.13
CA TRP B 47 -11.28 -13.66 3.94
C TRP B 47 -11.96 -13.73 5.29
N MET B 48 -12.83 -12.77 5.57
CA MET B 48 -13.43 -12.67 6.90
C MET B 48 -14.73 -13.45 6.98
N GLY B 49 -15.30 -13.76 5.82
CA GLY B 49 -16.60 -14.41 5.75
C GLY B 49 -17.56 -13.65 4.85
N TRP B 50 -18.85 -13.91 5.03
CA TRP B 50 -19.85 -13.32 4.17
C TRP B 50 -21.24 -13.28 4.80
N ILE B 51 -22.08 -12.38 4.29
CA ILE B 51 -23.43 -12.28 4.82
C ILE B 51 -24.44 -12.51 3.70
N ASN B 52 -25.48 -13.28 4.01
CA ASN B 52 -26.58 -13.52 3.08
C ASN B 52 -27.43 -12.26 2.98
N THR B 53 -27.56 -11.73 1.78
CA THR B 53 -28.22 -10.43 1.62
C THR B 53 -29.73 -10.50 1.61
N TYR B 54 -30.30 -11.70 1.68
CA TYR B 54 -31.74 -11.84 1.73
C TYR B 54 -32.22 -12.20 3.14
N SER B 55 -31.57 -13.15 3.78
CA SER B 55 -32.02 -13.57 5.10
C SER B 55 -31.32 -12.80 6.23
N GLY B 56 -30.20 -12.15 5.88
CA GLY B 56 -29.43 -11.38 6.84
C GLY B 56 -28.37 -12.20 7.58
N VAL B 57 -28.37 -13.51 7.35
CA VAL B 57 -27.53 -14.44 8.09
C VAL B 57 -26.03 -14.35 7.77
N PRO B 58 -25.21 -14.07 8.79
CA PRO B 58 -23.78 -13.95 8.52
C PRO B 58 -23.02 -15.27 8.71
N THR B 59 -21.97 -15.46 7.92
CA THR B 59 -21.11 -16.62 8.05
C THR B 59 -19.68 -16.14 8.28
N TYR B 60 -19.18 -16.35 9.49
CA TYR B 60 -17.82 -15.89 9.84
C TYR B 60 -16.72 -16.95 9.63
N ALA B 61 -15.65 -16.53 8.96
CA ALA B 61 -14.39 -17.29 8.91
C ALA B 61 -13.86 -17.48 10.33
N ASP B 62 -13.25 -18.64 10.57
CA ASP B 62 -12.69 -19.02 11.88
C ASP B 62 -11.95 -17.91 12.67
N ASP B 63 -11.04 -17.19 12.03
CA ASP B 63 -10.28 -16.16 12.75
C ASP B 63 -11.07 -14.86 12.95
N PHE B 64 -12.36 -14.86 12.63
CA PHE B 64 -13.17 -13.66 12.81
C PHE B 64 -14.48 -13.94 13.52
N LYS B 65 -14.43 -14.86 14.46
CA LYS B 65 -15.56 -15.11 15.33
C LYS B 65 -15.32 -14.39 16.65
N GLY B 66 -16.26 -13.54 17.05
CA GLY B 66 -16.17 -12.85 18.31
C GLY B 66 -16.43 -11.36 18.20
N ARG B 67 -15.43 -10.61 17.77
CA ARG B 67 -15.45 -9.15 17.80
C ARG B 67 -15.96 -8.54 16.50
N PHE B 68 -16.28 -9.39 15.53
CA PHE B 68 -16.68 -8.89 14.21
C PHE B 68 -18.17 -9.12 13.93
N ALA B 69 -18.79 -8.20 13.20
CA ALA B 69 -20.20 -8.39 12.87
C ALA B 69 -20.58 -7.79 11.52
N PHE B 70 -21.24 -8.61 10.70
CA PHE B 70 -21.74 -8.20 9.41
C PHE B 70 -23.19 -7.80 9.54
N SER B 71 -23.55 -6.64 8.98
CA SER B 71 -24.95 -6.25 8.97
C SER B 71 -25.34 -5.56 7.66
N LEU B 72 -26.63 -5.31 7.51
CA LEU B 72 -27.12 -4.72 6.29
C LEU B 72 -28.40 -3.92 6.45
N GLU B 73 -28.69 -3.10 5.45
CA GLU B 73 -29.97 -2.43 5.30
C GLU B 73 -30.29 -2.56 3.82
N THR B 74 -31.08 -3.59 3.48
CA THR B 74 -31.26 -3.99 2.07
C THR B 74 -31.92 -2.90 1.24
N SER B 75 -32.85 -2.17 1.83
CA SER B 75 -33.53 -1.16 1.06
C SER B 75 -32.55 -0.07 0.63
N ALA B 76 -31.46 0.11 1.37
CA ALA B 76 -30.40 1.05 0.96
C ALA B 76 -29.24 0.36 0.19
N SER B 77 -29.43 -0.91 -0.17
CA SER B 77 -28.39 -1.74 -0.78
C SER B 77 -27.03 -1.62 -0.08
N THR B 78 -27.03 -1.53 1.24
CA THR B 78 -25.78 -1.29 1.94
C THR B 78 -25.42 -2.37 2.96
N ALA B 79 -24.19 -2.87 2.87
CA ALA B 79 -23.67 -3.81 3.86
C ALA B 79 -22.71 -3.10 4.83
N TYR B 80 -22.59 -3.64 6.03
CA TYR B 80 -21.72 -3.03 7.03
C TYR B 80 -20.84 -4.05 7.74
N LEU B 81 -19.63 -3.60 8.07
CA LEU B 81 -18.74 -4.35 8.93
C LEU B 81 -18.50 -3.57 10.20
N GLN B 82 -18.77 -4.22 11.34
CA GLN B 82 -18.44 -3.63 12.63
C GLN B 82 -17.36 -4.43 13.37
N ILE B 83 -16.40 -3.69 13.92
CA ILE B 83 -15.34 -4.32 14.69
C ILE B 83 -15.41 -3.75 16.11
N ASN B 84 -15.53 -4.62 17.12
CA ASN B 84 -15.57 -4.15 18.50
C ASN B 84 -14.24 -4.34 19.23
N ILE B 85 -14.06 -3.64 20.36
CA ILE B 85 -12.84 -3.74 21.18
C ILE B 85 -11.56 -3.60 20.37
N LEU B 86 -11.49 -2.52 19.59
CA LEU B 86 -10.39 -2.35 18.64
C LEU B 86 -8.99 -2.54 19.23
N LYS B 87 -8.11 -3.14 18.44
CA LYS B 87 -6.70 -3.22 18.81
C LYS B 87 -5.81 -2.95 17.62
N ASN B 88 -4.51 -2.77 17.91
CA ASN B 88 -3.57 -2.33 16.89
C ASN B 88 -3.58 -3.23 15.68
N GLU B 89 -3.74 -4.53 15.91
CA GLU B 89 -3.76 -5.52 14.85
C GLU B 89 -4.98 -5.38 13.94
N ASP B 90 -6.00 -4.65 14.38
CA ASP B 90 -7.13 -4.35 13.49
C ASP B 90 -6.77 -3.34 12.43
N THR B 91 -5.57 -2.74 12.54
CA THR B 91 -5.08 -1.79 11.53
C THR B 91 -4.94 -2.47 10.18
N ALA B 92 -5.77 -2.08 9.23
CA ALA B 92 -5.85 -2.77 7.93
C ALA B 92 -6.66 -1.96 6.94
N THR B 93 -6.61 -2.37 5.68
CA THR B 93 -7.63 -1.92 4.73
C THR B 93 -8.68 -3.04 4.56
N TYR B 94 -9.94 -2.67 4.61
CA TYR B 94 -11.01 -3.65 4.52
C TYR B 94 -11.78 -3.49 3.23
N PHE B 95 -12.04 -4.62 2.59
CA PHE B 95 -12.75 -4.65 1.32
C PHE B 95 -14.05 -5.39 1.46
N CYS B 96 -15.08 -4.92 0.79
CA CYS B 96 -16.25 -5.78 0.60
C CYS B 96 -16.17 -6.27 -0.84
N ALA B 97 -16.78 -7.41 -1.10
CA ALA B 97 -16.74 -7.89 -2.48
C ALA B 97 -17.91 -8.78 -2.86
N ARG B 98 -18.24 -8.74 -4.14
CA ARG B 98 -19.29 -9.57 -4.66
C ARG B 98 -18.69 -10.76 -5.39
N ARG B 99 -19.40 -11.86 -5.36
CA ARG B 99 -18.91 -13.05 -6.00
C ARG B 99 -19.96 -13.57 -6.96
N ARG B 100 -19.55 -13.90 -8.18
CA ARG B 100 -20.45 -14.63 -9.05
C ARG B 100 -20.16 -16.13 -9.01
N SER B 101 -21.22 -16.95 -9.05
CA SER B 101 -21.04 -18.41 -9.01
C SER B 101 -22.11 -19.21 -9.75
N ASP B 102 -21.73 -19.79 -10.90
CA ASP B 102 -22.58 -20.70 -11.68
C ASP B 102 -21.94 -22.08 -11.85
N SER B 105 -18.18 -21.01 -13.79
CA SER B 105 -17.18 -20.04 -13.35
C SER B 105 -17.46 -19.39 -11.98
N ASN B 106 -16.41 -19.23 -11.17
CA ASN B 106 -16.51 -18.68 -9.83
C ASN B 106 -15.35 -17.75 -9.48
N TYR B 107 -15.68 -16.56 -9.01
CA TYR B 107 -14.66 -15.59 -8.62
C TYR B 107 -15.27 -14.29 -8.10
N PHE B 108 -14.47 -13.54 -7.35
CA PHE B 108 -14.86 -12.21 -6.96
C PHE B 108 -14.90 -11.28 -8.17
N ASP B 109 -16.11 -10.89 -8.57
CA ASP B 109 -16.25 -10.06 -9.77
C ASP B 109 -16.28 -8.55 -9.50
N TYR B 110 -16.68 -8.14 -8.29
CA TYR B 110 -16.66 -6.70 -7.96
C TYR B 110 -16.17 -6.38 -6.54
N TRP B 111 -15.42 -5.29 -6.38
CA TRP B 111 -14.84 -4.95 -5.09
C TRP B 111 -15.11 -3.50 -4.69
N GLY B 112 -15.35 -3.27 -3.40
CA GLY B 112 -15.27 -1.93 -2.86
C GLY B 112 -13.86 -1.38 -3.06
N GLN B 113 -13.69 -0.06 -2.93
CA GLN B 113 -12.37 0.52 -3.13
C GLN B 113 -11.54 0.33 -1.85
N GLY B 114 -12.16 -0.27 -0.83
CA GLY B 114 -11.46 -0.49 0.42
C GLY B 114 -11.64 0.67 1.37
N SER B 115 -11.65 0.38 2.66
CA SER B 115 -11.59 1.42 3.68
C SER B 115 -10.40 1.15 4.58
N THR B 116 -9.61 2.18 4.84
CA THR B 116 -8.40 2.02 5.63
C THR B 116 -8.64 2.40 7.09
N LEU B 117 -8.41 1.43 7.97
CA LEU B 117 -8.61 1.64 9.40
C LEU B 117 -7.26 1.69 10.10
N THR B 118 -7.06 2.75 10.89
CA THR B 118 -5.90 2.89 11.74
C THR B 118 -6.33 2.90 13.18
N VAL B 119 -5.75 2.00 13.97
CA VAL B 119 -6.03 1.91 15.39
C VAL B 119 -4.74 2.21 16.14
N SER B 120 -4.73 3.34 16.86
CA SER B 120 -3.53 3.75 17.57
C SER B 120 -3.85 4.52 18.83
N SER B 121 -2.97 4.38 19.82
CA SER B 121 -3.08 5.15 21.05
C SER B 121 -2.58 6.58 20.87
N ALA B 122 -1.86 6.82 19.78
CA ALA B 122 -1.24 8.14 19.56
C ALA B 122 -2.25 9.25 19.30
N LYS B 123 -1.98 10.42 19.87
CA LYS B 123 -2.83 11.59 19.68
C LYS B 123 -2.42 12.37 18.44
N THR B 124 -3.41 12.93 17.74
CA THR B 124 -3.20 13.77 16.56
C THR B 124 -2.30 14.96 16.88
N THR B 125 -1.25 15.13 16.07
CA THR B 125 -0.16 16.07 16.36
C THR B 125 0.35 16.77 15.12
N PRO B 126 0.43 18.11 15.15
CA PRO B 126 0.97 18.86 14.01
C PRO B 126 2.48 18.71 13.94
N PRO B 127 3.03 18.77 12.71
CA PRO B 127 4.48 18.69 12.51
C PRO B 127 5.19 19.95 12.96
N SER B 128 6.44 19.79 13.38
CA SER B 128 7.36 20.91 13.40
C SER B 128 8.03 20.93 12.01
N VAL B 129 8.08 22.09 11.35
CA VAL B 129 8.71 22.15 10.04
C VAL B 129 10.07 22.87 10.11
N TYR B 130 11.12 22.24 9.56
CA TYR B 130 12.44 22.86 9.56
C TYR B 130 12.99 22.99 8.15
N PRO B 131 13.38 24.21 7.77
CA PRO B 131 14.06 24.44 6.49
C PRO B 131 15.43 23.78 6.48
N LEU B 132 15.76 23.10 5.38
CA LEU B 132 17.07 22.48 5.21
C LEU B 132 17.88 23.18 4.12
N ALA B 133 18.81 24.04 4.54
CA ALA B 133 19.68 24.71 3.58
C ALA B 133 20.91 23.84 3.43
N PRO B 134 21.59 23.95 2.27
CA PRO B 134 22.84 23.18 2.11
C PRO B 134 23.89 23.65 3.11
N GLY B 135 24.85 22.77 3.41
CA GLY B 135 25.89 23.09 4.37
C GLY B 135 26.89 24.11 3.84
N SER B 136 27.10 24.12 2.53
CA SER B 136 28.07 25.03 1.93
C SER B 136 27.48 25.83 0.78
N ALA B 137 28.20 26.86 0.35
CA ALA B 137 27.79 27.59 -0.86
C ALA B 137 28.06 26.71 -2.07
N ALA B 138 27.29 26.91 -3.14
CA ALA B 138 27.39 26.04 -4.32
C ALA B 138 28.69 26.19 -5.12
N GLN B 139 29.38 27.33 -4.97
CA GLN B 139 30.53 27.69 -5.79
C GLN B 139 30.21 27.56 -7.28
N THR B 140 30.81 26.59 -7.96
CA THR B 140 30.53 26.41 -9.38
C THR B 140 29.70 25.16 -9.77
N ASN B 141 28.95 24.60 -8.82
CA ASN B 141 27.97 23.56 -9.17
C ASN B 141 26.75 24.17 -9.89
N SER B 142 26.26 23.52 -10.95
CA SER B 142 25.10 24.08 -11.68
C SER B 142 23.82 24.06 -10.86
N MET B 143 23.72 23.11 -9.94
CA MET B 143 22.47 22.91 -9.25
C MET B 143 22.64 23.06 -7.77
N VAL B 144 21.53 23.24 -7.10
CA VAL B 144 21.55 23.19 -5.67
C VAL B 144 20.31 22.43 -5.20
N THR B 145 20.42 21.81 -4.04
CA THR B 145 19.33 20.99 -3.51
C THR B 145 18.93 21.51 -2.14
N LEU B 146 17.66 21.87 -2.01
CA LEU B 146 17.08 22.42 -0.80
C LEU B 146 16.09 21.43 -0.21
N GLY B 147 15.91 21.48 1.10
CA GLY B 147 14.94 20.60 1.71
C GLY B 147 14.05 21.18 2.80
N CYS B 148 13.08 20.38 3.21
CA CYS B 148 12.22 20.64 4.35
C CYS B 148 12.12 19.40 5.21
N LEU B 149 12.25 19.59 6.51
CA LEU B 149 12.09 18.51 7.47
C LEU B 149 10.72 18.63 8.16
N VAL B 150 9.90 17.59 8.02
CA VAL B 150 8.56 17.59 8.60
C VAL B 150 8.51 16.55 9.72
N LYS B 151 8.59 17.03 10.95
CA LYS B 151 8.93 16.16 12.08
C LYS B 151 7.83 15.95 13.13
N GLY B 152 7.70 14.71 13.57
CA GLY B 152 6.84 14.36 14.69
C GLY B 152 5.37 14.69 14.52
N TYR B 153 4.77 14.19 13.43
CA TYR B 153 3.36 14.42 13.18
C TYR B 153 2.58 13.12 13.27
N PHE B 154 1.28 13.24 13.49
CA PHE B 154 0.38 12.10 13.50
C PHE B 154 -1.06 12.58 13.27
N PRO B 155 -1.83 11.85 12.47
CA PRO B 155 -1.42 10.64 11.76
C PRO B 155 -0.90 11.01 10.38
N GLU B 156 -0.66 10.02 9.53
CA GLU B 156 -0.47 10.29 8.10
C GLU B 156 -1.77 10.85 7.50
N PRO B 157 -1.67 11.61 6.40
CA PRO B 157 -0.42 12.04 5.74
C PRO B 157 -0.20 13.54 5.89
N VAL B 158 0.95 14.02 5.43
CA VAL B 158 1.12 15.44 5.17
C VAL B 158 1.28 15.59 3.66
N THR B 159 1.17 16.82 3.17
CA THR B 159 1.55 17.13 1.79
C THR B 159 2.56 18.29 1.79
N VAL B 160 3.58 18.19 0.95
CA VAL B 160 4.53 19.29 0.81
C VAL B 160 4.48 19.80 -0.62
N THR B 161 4.36 21.11 -0.79
CA THR B 161 4.62 21.70 -2.11
C THR B 161 5.78 22.70 -2.03
N TRP B 162 6.28 23.06 -3.20
CA TRP B 162 7.37 24.04 -3.26
C TRP B 162 6.94 25.27 -4.05
N ASN B 163 7.06 26.43 -3.43
CA ASN B 163 6.57 27.68 -4.01
C ASN B 163 5.11 27.54 -4.46
N SER B 164 4.26 27.08 -3.53
CA SER B 164 2.83 26.89 -3.79
C SER B 164 2.55 26.10 -5.06
N GLY B 165 3.36 25.10 -5.33
CA GLY B 165 3.16 24.25 -6.49
C GLY B 165 3.90 24.71 -7.73
N SER B 166 4.49 25.90 -7.68
CA SER B 166 5.16 26.49 -8.86
C SER B 166 6.42 25.75 -9.27
N LEU B 167 7.20 25.33 -8.28
CA LEU B 167 8.30 24.39 -8.52
C LEU B 167 7.72 22.98 -8.50
N SER B 168 7.91 22.21 -9.56
CA SER B 168 7.35 20.86 -9.60
C SER B 168 8.40 19.83 -9.96
N SER B 169 9.13 20.11 -11.02
CA SER B 169 10.24 19.25 -11.41
C SER B 169 11.36 19.43 -10.39
N GLY B 170 12.13 18.37 -10.18
CA GLY B 170 13.20 18.42 -9.20
C GLY B 170 12.72 18.23 -7.78
N VAL B 171 11.40 18.12 -7.59
CA VAL B 171 10.83 17.85 -6.27
C VAL B 171 10.78 16.35 -5.94
N HIS B 172 11.29 15.99 -4.76
CA HIS B 172 11.20 14.61 -4.29
C HIS B 172 10.73 14.62 -2.85
N THR B 173 9.55 14.06 -2.61
CA THR B 173 9.07 13.88 -1.24
C THR B 173 9.28 12.44 -0.82
N PHE B 174 10.08 12.25 0.21
CA PHE B 174 10.45 10.89 0.63
C PHE B 174 9.42 10.31 1.57
N PRO B 175 9.28 8.97 1.58
CA PRO B 175 8.23 8.38 2.43
C PRO B 175 8.60 8.52 3.91
N ALA B 176 7.60 8.68 4.78
CA ALA B 176 7.82 8.94 6.20
C ALA B 176 8.27 7.71 6.99
N VAL B 177 9.08 7.95 8.02
CA VAL B 177 9.45 6.90 8.99
C VAL B 177 8.79 7.13 10.35
N LEU B 178 8.78 6.10 11.20
CA LEU B 178 8.46 6.24 12.62
C LEU B 178 9.73 6.58 13.41
N ASP B 181 7.72 8.02 18.42
CA ASP B 181 6.51 7.30 18.02
C ASP B 181 5.56 8.10 17.14
N LEU B 182 6.12 9.09 16.44
CA LEU B 182 5.36 9.90 15.49
C LEU B 182 5.95 9.74 14.10
N TYR B 183 5.35 10.39 13.12
CA TYR B 183 5.90 10.37 11.78
C TYR B 183 6.86 11.53 11.50
N THR B 184 7.89 11.23 10.73
CA THR B 184 8.80 12.25 10.20
C THR B 184 9.08 11.96 8.74
N LEU B 185 9.01 12.98 7.88
CA LEU B 185 9.49 12.82 6.51
C LEU B 185 10.33 14.01 6.04
N SER B 186 10.80 13.93 4.80
CA SER B 186 11.51 15.06 4.22
C SER B 186 11.23 15.25 2.73
N SER B 187 11.15 16.51 2.30
CA SER B 187 11.01 16.86 0.89
C SER B 187 12.24 17.64 0.39
N SER B 188 12.65 17.37 -0.84
CA SER B 188 13.78 18.04 -1.42
C SER B 188 13.39 18.60 -2.77
N VAL B 189 14.00 19.72 -3.14
CA VAL B 189 13.87 20.23 -4.49
C VAL B 189 15.25 20.66 -5.00
N THR B 190 15.51 20.33 -6.25
CA THR B 190 16.76 20.67 -6.88
C THR B 190 16.52 21.76 -7.91
N VAL B 191 17.26 22.86 -7.78
CA VAL B 191 17.09 24.01 -8.66
C VAL B 191 18.46 24.51 -9.10
N PRO B 192 18.50 25.23 -10.24
CA PRO B 192 19.77 25.80 -10.71
C PRO B 192 20.36 26.71 -9.63
N SER B 193 21.68 26.70 -9.48
CA SER B 193 22.32 27.63 -8.53
C SER B 193 22.17 29.10 -8.99
N SER B 194 21.82 29.31 -10.25
CA SER B 194 21.45 30.65 -10.69
C SER B 194 20.04 31.07 -10.22
N THR B 195 19.30 30.16 -9.60
CA THR B 195 17.92 30.41 -9.17
C THR B 195 17.82 30.71 -7.66
N TRP B 196 18.53 29.94 -6.86
CA TRP B 196 18.58 30.13 -5.41
C TRP B 196 20.05 30.26 -5.01
N PRO B 197 20.35 31.17 -4.07
CA PRO B 197 19.36 31.97 -3.33
C PRO B 197 18.93 33.27 -3.99
N SER B 198 19.33 33.57 -5.22
CA SER B 198 18.89 34.83 -5.85
C SER B 198 17.36 35.02 -5.81
N GLN B 199 16.61 33.95 -6.12
CA GLN B 199 15.15 33.94 -6.00
C GLN B 199 14.70 33.21 -4.75
N THR B 200 13.48 33.51 -4.32
CA THR B 200 12.93 32.97 -3.08
C THR B 200 12.36 31.55 -3.28
N VAL B 201 12.75 30.64 -2.40
CA VAL B 201 12.27 29.26 -2.43
C VAL B 201 11.64 28.87 -1.09
N THR B 202 10.36 28.54 -1.14
CA THR B 202 9.59 28.26 0.07
C THR B 202 8.87 26.91 -0.03
N CYS B 203 8.96 26.13 1.04
CA CYS B 203 8.22 24.88 1.10
C CYS B 203 6.90 25.10 1.84
N ASN B 204 5.84 24.48 1.29
CA ASN B 204 4.51 24.59 1.87
C ASN B 204 4.09 23.24 2.42
N VAL B 205 3.93 23.17 3.74
CA VAL B 205 3.58 21.92 4.41
C VAL B 205 2.14 21.94 4.92
N ALA B 206 1.33 20.98 4.47
CA ALA B 206 -0.06 20.86 4.93
C ALA B 206 -0.30 19.52 5.65
N HIS B 207 -0.77 19.60 6.89
CA HIS B 207 -1.20 18.43 7.68
C HIS B 207 -2.65 18.59 8.13
N PRO B 208 -3.60 18.22 7.24
CA PRO B 208 -5.05 18.44 7.40
C PRO B 208 -5.62 17.96 8.72
N ALA B 209 -5.27 16.73 9.11
CA ALA B 209 -5.76 16.15 10.37
C ALA B 209 -5.59 17.10 11.57
N SER B 210 -4.66 18.03 11.48
CA SER B 210 -4.50 19.04 12.53
C SER B 210 -4.77 20.44 11.97
N SER B 211 -5.22 20.47 10.72
CA SER B 211 -5.54 21.70 10.00
C SER B 211 -4.38 22.70 10.01
N THR B 212 -3.18 22.21 9.75
CA THR B 212 -2.02 23.07 9.75
C THR B 212 -1.52 23.32 8.34
N LYS B 213 -1.21 24.59 8.06
CA LYS B 213 -0.57 24.97 6.81
C LYS B 213 0.60 25.87 7.16
N VAL B 214 1.82 25.38 6.91
CA VAL B 214 3.04 26.12 7.26
C VAL B 214 3.92 26.37 6.04
N ASP B 215 4.38 27.62 5.91
CA ASP B 215 5.34 27.96 4.89
C ASP B 215 6.70 28.19 5.56
N LYS B 216 7.73 27.49 5.07
CA LYS B 216 9.08 27.73 5.56
C LYS B 216 10.04 28.05 4.40
N LYS B 217 10.61 29.24 4.44
CA LYS B 217 11.46 29.74 3.37
C LYS B 217 12.88 29.30 3.62
N ILE B 218 13.56 28.86 2.57
CA ILE B 218 14.94 28.41 2.72
C ILE B 218 15.92 29.58 2.55
N VAL B 219 16.69 29.86 3.60
CA VAL B 219 17.71 30.90 3.55
C VAL B 219 19.09 30.29 3.75
N PRO B 220 20.12 30.86 3.10
CA PRO B 220 21.47 30.32 3.29
C PRO B 220 21.85 30.44 4.74
N ARG B 221 22.75 29.57 5.19
CA ARG B 221 22.88 29.26 6.61
C ARG B 221 23.98 30.03 7.32
#